data_3MZW
#
_entry.id   3MZW
#
_cell.length_a   71.726
_cell.length_b   97.841
_cell.length_c   148.283
_cell.angle_alpha   90.00
_cell.angle_beta   90.00
_cell.angle_gamma   90.00
#
_symmetry.space_group_name_H-M   'P 21 21 21'
#
loop_
_entity.id
_entity.type
_entity.pdbx_description
1 polymer 'Tyrosine kinase-type cell surface receptor HER2'
2 polymer 'Immunoglobulin G-binding protein A'
3 branched 2-acetamido-2-deoxy-beta-D-glucopyranose-(1-4)-2-acetamido-2-deoxy-beta-D-glucopyranose
4 non-polymer 2-acetamido-2-deoxy-beta-D-glucopyranose
5 water water
#
loop_
_entity_poly.entity_id
_entity_poly.type
_entity_poly.pdbx_seq_one_letter_code
_entity_poly.pdbx_strand_id
1 'polypeptide(L)'
;TQVCTGTDMKLRLPASPETHLDMLRHLYQGCQVVQGNLELTYLPTNASLSFLQDIQEVQGYVLIAHNQVRQVPLQRLRIV
RGTQLFEDNYALAVLDNGDPLNNTTPVTGASPGGLRELQLRSLTEILKGGVLIQRNPQLCYQDTILWKDIFHKNNQLALT
LIDTNRSRACHPCSPMCKGSRCWGESSEDCQSLTRTVCAGGCARCKGPLPTDCCHEQCAAGCTGPKHSDCLACLHFNHSG
ICELHCPALVTYNTDTFESMPNPEGRYTFGASCVTACPYNYLSTDVGSCTLVCPLHNQEVTAEDGTQRCEKCSKPCARVC
YGLGMEHLREVRAVTSANIQEFAGCKKIFGSLAFLPESFDGDPASNTAPLQPEQLQVFETLEEITGYLYISAWPDSLPDL
SVFQNLQVIRGRILHNGAYSLTLQGLGISWLGLRSLRELGSGLALIHHNTHLCFVHTVPWDQLFRNPHQALLHTANRPED
ECVGEGLACHQLCARGHCWGPGPTQCVNCSQFLRGQECVEECRVLQGLPREYVNARHCLPCHPECQPQNGSVTCFGPEAD
QCVACAHYKDPPFCVARCPSGVKPDLSYMPIWKFPDEEGACQPCPINCTHSCVDLDDKGCPAEQ
;
A
2 'polypeptide(L)' VDNKFNKEMRNAYWEIALLPNLNNQQKRAFIRSLYDDPSQSANLLAEAKKLNDAQAPK B
#
# COMPACT_ATOMS: atom_id res chain seq x y z
N THR A 1 0.47 -16.90 2.64
CA THR A 1 0.91 -16.63 1.24
C THR A 1 2.41 -16.86 1.10
N GLN A 2 2.79 -17.66 0.10
CA GLN A 2 4.18 -17.93 -0.20
C GLN A 2 4.94 -16.75 -0.83
N VAL A 3 4.21 -15.85 -1.49
CA VAL A 3 4.81 -14.73 -2.19
C VAL A 3 4.59 -13.39 -1.47
N CYS A 4 5.56 -12.47 -1.60
CA CYS A 4 5.46 -11.15 -0.99
C CYS A 4 6.30 -10.12 -1.76
N THR A 5 5.97 -8.84 -1.61
CA THR A 5 6.69 -7.76 -2.28
C THR A 5 7.72 -7.22 -1.34
N GLY A 6 8.87 -6.85 -1.87
CA GLY A 6 9.99 -6.41 -1.05
C GLY A 6 9.84 -4.94 -0.72
N THR A 7 10.97 -4.25 -0.62
CA THR A 7 10.93 -2.80 -0.41
C THR A 7 11.84 -2.03 -1.35
N ASP A 8 11.94 -0.73 -1.11
CA ASP A 8 12.62 0.15 -2.02
C ASP A 8 13.05 1.46 -1.33
N MET A 9 13.75 1.33 -0.20
N MET A 9 13.77 1.33 -0.21
CA MET A 9 14.30 2.51 0.46
CA MET A 9 14.30 2.50 0.45
C MET A 9 15.82 2.53 0.50
C MET A 9 15.82 2.56 0.42
N LYS A 10 16.45 1.49 -0.06
CA LYS A 10 17.89 1.44 -0.15
C LYS A 10 18.56 1.92 1.16
N LEU A 11 19.49 2.86 1.07
CA LEU A 11 20.26 3.28 2.24
C LEU A 11 19.58 4.38 3.09
N ARG A 12 18.44 4.87 2.63
CA ARG A 12 17.66 5.89 3.36
C ARG A 12 17.35 5.43 4.77
N LEU A 13 17.43 6.30 5.77
CA LEU A 13 17.08 5.81 7.11
C LEU A 13 15.57 5.58 7.30
N PRO A 14 15.18 4.61 8.14
CA PRO A 14 13.78 4.25 8.26
C PRO A 14 12.93 5.43 8.68
N ALA A 15 11.72 5.51 8.14
CA ALA A 15 10.81 6.58 8.56
C ALA A 15 10.43 6.37 10.02
N SER A 16 10.04 5.15 10.40
CA SER A 16 9.68 4.93 11.78
C SER A 16 10.56 3.86 12.41
N PRO A 17 11.67 4.27 13.03
CA PRO A 17 12.57 3.34 13.69
C PRO A 17 11.88 2.53 14.79
N GLU A 18 10.96 3.15 15.52
CA GLU A 18 10.22 2.45 16.56
C GLU A 18 9.43 1.25 16.03
N THR A 19 9.13 1.27 14.74
CA THR A 19 8.26 0.25 14.15
C THR A 19 8.94 -0.59 13.06
N HIS A 20 10.15 -0.18 12.69
CA HIS A 20 10.89 -0.72 11.52
C HIS A 20 11.03 -2.23 11.55
N LEU A 21 11.40 -2.76 12.70
CA LEU A 21 11.59 -4.17 12.84
C LEU A 21 10.26 -4.89 12.69
N ASP A 22 9.25 -4.31 13.31
CA ASP A 22 7.93 -4.88 13.33
C ASP A 22 7.39 -4.86 11.91
N MET A 23 7.77 -3.84 11.15
CA MET A 23 7.34 -3.68 9.77
C MET A 23 7.88 -4.84 8.93
N LEU A 24 9.20 -5.02 8.99
CA LEU A 24 9.88 -6.12 8.34
C LEU A 24 9.21 -7.44 8.68
N ARG A 25 8.89 -7.63 9.96
CA ARG A 25 8.31 -8.90 10.35
C ARG A 25 7.00 -9.14 9.61
N HIS A 26 6.11 -8.16 9.60
CA HIS A 26 4.87 -8.27 8.84
C HIS A 26 5.14 -8.50 7.37
N LEU A 27 6.25 -7.99 6.87
CA LEU A 27 6.55 -8.06 5.45
C LEU A 27 7.02 -9.45 5.00
N TYR A 28 7.91 -10.08 5.77
CA TYR A 28 8.61 -11.29 5.33
C TYR A 28 8.21 -12.58 6.07
N GLN A 29 7.29 -12.46 7.00
CA GLN A 29 6.86 -13.58 7.82
C GLN A 29 6.34 -14.70 6.94
N GLY A 30 7.09 -15.81 6.88
CA GLY A 30 6.68 -16.97 6.09
C GLY A 30 6.79 -16.78 4.59
N CYS A 31 7.27 -15.61 4.17
CA CYS A 31 7.43 -15.32 2.76
C CYS A 31 8.55 -16.22 2.21
N GLN A 32 8.41 -16.66 0.96
CA GLN A 32 9.38 -17.55 0.31
C GLN A 32 9.97 -16.95 -0.97
N VAL A 33 9.20 -16.07 -1.60
CA VAL A 33 9.61 -15.44 -2.83
C VAL A 33 9.40 -13.96 -2.69
N VAL A 34 10.46 -13.19 -2.89
CA VAL A 34 10.36 -11.75 -2.72
C VAL A 34 10.25 -11.10 -4.10
N GLN A 35 9.05 -10.68 -4.46
CA GLN A 35 8.88 -9.87 -5.65
C GLN A 35 9.56 -8.52 -5.38
N GLY A 36 10.74 -8.30 -5.93
CA GLY A 36 11.41 -7.04 -5.70
C GLY A 36 12.62 -7.21 -4.81
N ASN A 37 12.98 -6.14 -4.10
CA ASN A 37 14.26 -6.15 -3.38
C ASN A 37 14.10 -6.43 -1.90
N LEU A 38 15.03 -7.23 -1.37
CA LEU A 38 15.09 -7.59 0.03
C LEU A 38 16.12 -6.67 0.64
N GLU A 39 15.63 -5.65 1.35
CA GLU A 39 16.46 -4.63 1.95
C GLU A 39 16.36 -4.79 3.46
N LEU A 40 17.51 -4.95 4.09
CA LEU A 40 17.59 -5.23 5.52
C LEU A 40 18.64 -4.31 6.08
N THR A 41 18.17 -3.20 6.62
CA THR A 41 19.05 -2.13 7.00
C THR A 41 18.69 -1.56 8.36
N TYR A 42 19.72 -1.16 9.11
CA TYR A 42 19.57 -0.59 10.47
C TYR A 42 18.93 -1.53 11.47
N LEU A 43 19.43 -2.76 11.54
CA LEU A 43 18.91 -3.70 12.53
C LEU A 43 19.79 -3.70 13.77
N PRO A 44 19.17 -3.50 14.95
CA PRO A 44 19.91 -3.33 16.20
C PRO A 44 20.46 -4.66 16.71
N THR A 45 21.48 -4.58 17.54
CA THR A 45 22.31 -5.73 17.85
C THR A 45 21.57 -7.01 18.29
N ASN A 46 20.58 -6.91 19.17
CA ASN A 46 19.97 -8.16 19.61
C ASN A 46 18.71 -8.61 18.86
N ALA A 47 18.44 -7.95 17.73
CA ALA A 47 17.20 -8.10 16.96
C ALA A 47 16.91 -9.52 16.47
N SER A 48 15.73 -10.03 16.82
CA SER A 48 15.26 -11.35 16.38
C SER A 48 14.79 -11.36 14.92
N LEU A 49 15.42 -12.17 14.08
CA LEU A 49 15.22 -12.07 12.64
C LEU A 49 14.75 -13.35 11.99
N SER A 50 14.14 -14.24 12.77
CA SER A 50 13.83 -15.56 12.25
C SER A 50 12.75 -15.54 11.21
N PHE A 51 12.01 -14.44 11.10
CA PHE A 51 10.98 -14.34 10.09
C PHE A 51 11.53 -14.42 8.65
N LEU A 52 12.85 -14.36 8.52
CA LEU A 52 13.47 -14.37 7.20
C LEU A 52 13.78 -15.77 6.67
N GLN A 53 13.61 -16.78 7.53
CA GLN A 53 14.18 -18.11 7.29
C GLN A 53 13.54 -18.89 6.17
N ASP A 54 12.34 -18.50 5.77
CA ASP A 54 11.67 -19.19 4.69
C ASP A 54 12.03 -18.72 3.28
N ILE A 55 12.68 -17.57 3.17
CA ILE A 55 13.01 -16.96 1.86
C ILE A 55 13.96 -17.81 1.01
N GLN A 56 13.53 -18.19 -0.20
CA GLN A 56 14.38 -18.97 -1.13
C GLN A 56 14.81 -18.19 -2.34
N GLU A 57 14.00 -17.22 -2.74
CA GLU A 57 14.19 -16.51 -3.98
C GLU A 57 13.94 -15.02 -3.77
N VAL A 58 14.81 -14.21 -4.34
CA VAL A 58 14.62 -12.76 -4.36
C VAL A 58 14.67 -12.28 -5.81
N GLN A 59 13.57 -11.77 -6.33
CA GLN A 59 13.52 -11.27 -7.71
C GLN A 59 14.53 -10.17 -7.98
N GLY A 60 14.65 -9.24 -7.01
CA GLY A 60 15.39 -7.99 -7.20
C GLY A 60 16.85 -8.10 -6.85
N TYR A 61 17.28 -7.33 -5.86
CA TYR A 61 18.64 -7.46 -5.32
C TYR A 61 18.52 -7.60 -3.81
N VAL A 62 19.61 -7.95 -3.16
CA VAL A 62 19.65 -8.02 -1.70
C VAL A 62 20.60 -6.96 -1.12
N LEU A 63 20.08 -6.18 -0.17
CA LEU A 63 20.88 -5.15 0.48
C LEU A 63 20.88 -5.33 2.00
N ILE A 64 22.07 -5.57 2.55
CA ILE A 64 22.26 -5.77 3.99
C ILE A 64 23.23 -4.70 4.50
N ALA A 65 22.69 -3.65 5.10
CA ALA A 65 23.46 -2.41 5.34
C ALA A 65 23.20 -1.77 6.69
N HIS A 66 24.22 -1.11 7.23
CA HIS A 66 24.11 -0.38 8.49
C HIS A 66 23.48 -1.19 9.63
N ASN A 67 23.76 -2.48 9.70
CA ASN A 67 23.22 -3.30 10.78
C ASN A 67 24.19 -3.50 11.96
N GLN A 68 23.63 -3.70 13.14
CA GLN A 68 24.40 -4.03 14.32
C GLN A 68 24.37 -5.53 14.62
N VAL A 69 23.32 -6.23 14.19
CA VAL A 69 23.22 -7.67 14.43
C VAL A 69 24.44 -8.42 13.96
N ARG A 70 24.65 -9.59 14.54
CA ARG A 70 25.80 -10.44 14.24
C ARG A 70 25.57 -11.44 13.12
N GLN A 71 24.30 -11.83 12.92
CA GLN A 71 23.95 -12.77 11.87
C GLN A 71 22.61 -12.41 11.23
N VAL A 72 22.49 -12.72 9.94
CA VAL A 72 21.20 -12.61 9.26
C VAL A 72 20.75 -13.98 8.75
N PRO A 73 19.65 -14.52 9.31
CA PRO A 73 19.20 -15.88 9.05
C PRO A 73 18.70 -16.08 7.62
N LEU A 74 19.62 -16.10 6.65
CA LEU A 74 19.23 -16.29 5.26
C LEU A 74 19.74 -17.58 4.65
N GLN A 75 19.89 -18.62 5.47
CA GLN A 75 20.46 -19.91 5.02
C GLN A 75 19.72 -20.59 3.87
N ARG A 76 18.43 -20.31 3.73
CA ARG A 76 17.65 -20.94 2.67
C ARG A 76 17.64 -20.22 1.32
N LEU A 77 18.19 -19.02 1.27
CA LEU A 77 18.22 -18.22 0.05
C LEU A 77 19.04 -18.91 -1.05
N ARG A 78 18.35 -19.22 -2.14
CA ARG A 78 18.83 -20.09 -3.21
C ARG A 78 19.25 -19.31 -4.46
N ILE A 79 18.46 -18.30 -4.79
CA ILE A 79 18.60 -17.57 -6.05
C ILE A 79 18.16 -16.13 -5.91
N VAL A 80 19.03 -15.21 -6.34
CA VAL A 80 18.65 -13.83 -6.54
C VAL A 80 18.75 -13.55 -8.04
N ARG A 81 17.63 -13.10 -8.61
CA ARG A 81 17.49 -12.93 -10.06
C ARG A 81 18.04 -11.62 -10.60
N GLY A 82 18.07 -10.60 -9.75
CA GLY A 82 18.63 -9.32 -10.15
C GLY A 82 17.82 -8.58 -11.18
N THR A 83 16.49 -8.69 -11.09
CA THR A 83 15.59 -7.92 -11.95
C THR A 83 15.86 -6.42 -11.83
N GLN A 84 16.13 -5.94 -10.63
CA GLN A 84 16.74 -4.62 -10.46
C GLN A 84 18.03 -4.82 -9.69
N LEU A 85 18.99 -3.94 -9.92
CA LEU A 85 20.28 -4.03 -9.24
C LEU A 85 20.54 -2.78 -8.43
N PHE A 86 21.19 -2.94 -7.27
CA PHE A 86 21.52 -1.81 -6.43
C PHE A 86 22.62 -0.99 -7.11
N GLU A 87 22.35 0.30 -7.29
CA GLU A 87 23.20 1.19 -8.07
C GLU A 87 23.43 0.67 -9.49
N ASP A 88 22.39 0.05 -10.08
CA ASP A 88 22.51 -0.66 -11.37
C ASP A 88 23.72 -1.59 -11.53
N ASN A 89 24.28 -2.06 -10.41
CA ASN A 89 25.51 -2.85 -10.46
C ASN A 89 25.44 -4.20 -9.75
N TYR A 90 24.92 -4.20 -8.52
CA TYR A 90 25.10 -5.31 -7.63
C TYR A 90 23.81 -6.06 -7.30
N ALA A 91 23.91 -7.39 -7.27
CA ALA A 91 22.78 -8.26 -6.94
C ALA A 91 22.75 -8.43 -5.45
N LEU A 92 23.95 -8.31 -4.87
CA LEU A 92 24.12 -8.45 -3.45
C LEU A 92 25.05 -7.34 -2.95
N ALA A 93 24.54 -6.50 -2.06
CA ALA A 93 25.31 -5.40 -1.47
C ALA A 93 25.26 -5.47 0.06
N VAL A 94 26.41 -5.75 0.66
CA VAL A 94 26.59 -5.88 2.10
C VAL A 94 27.49 -4.75 2.58
N LEU A 95 26.90 -3.72 3.17
CA LEU A 95 27.61 -2.47 3.43
C LEU A 95 27.54 -2.02 4.87
N ASP A 96 28.68 -1.63 5.44
CA ASP A 96 28.68 -0.87 6.69
C ASP A 96 27.94 -1.53 7.87
N ASN A 97 28.22 -2.80 8.14
CA ASN A 97 27.64 -3.43 9.31
C ASN A 97 28.71 -3.57 10.39
N GLY A 98 28.70 -2.65 11.33
CA GLY A 98 29.74 -2.60 12.34
C GLY A 98 29.63 -1.35 13.16
N ASP A 99 29.98 -1.47 14.45
CA ASP A 99 29.79 -0.39 15.42
C ASP A 99 30.39 0.95 14.95
N PRO A 100 29.59 2.04 15.04
CA PRO A 100 29.97 3.39 14.61
C PRO A 100 30.96 4.12 15.54
N LEU A 101 32.14 3.52 15.73
CA LEU A 101 33.18 4.05 16.63
C LEU A 101 32.65 4.67 17.92
N SER A 111 31.01 -9.30 22.05
CA SER A 111 30.89 -7.94 22.58
C SER A 111 30.68 -6.91 21.46
N PRO A 112 31.68 -6.73 20.55
CA PRO A 112 31.44 -5.73 19.50
C PRO A 112 30.38 -6.23 18.52
N GLY A 113 29.62 -5.32 17.95
CA GLY A 113 28.58 -5.69 17.02
C GLY A 113 29.06 -5.67 15.58
N GLY A 114 28.20 -6.13 14.68
CA GLY A 114 28.52 -6.15 13.25
C GLY A 114 28.33 -7.56 12.77
N LEU A 115 28.01 -7.70 11.49
CA LEU A 115 27.79 -9.01 10.89
C LEU A 115 29.09 -9.83 10.97
N ARG A 116 28.99 -11.10 11.33
CA ARG A 116 30.19 -11.94 11.50
C ARG A 116 30.44 -12.92 10.34
N GLU A 117 29.38 -13.59 9.90
CA GLU A 117 29.41 -14.48 8.76
C GLU A 117 28.26 -14.14 7.82
N LEU A 118 28.38 -14.45 6.54
CA LEU A 118 27.23 -14.26 5.64
C LEU A 118 26.22 -15.39 5.69
N GLN A 119 26.72 -16.62 5.81
CA GLN A 119 25.91 -17.83 5.94
C GLN A 119 24.78 -17.94 4.93
N LEU A 120 25.14 -17.80 3.65
CA LEU A 120 24.17 -17.95 2.57
C LEU A 120 24.43 -19.28 1.90
N ARG A 121 24.45 -20.34 2.71
CA ARG A 121 24.86 -21.66 2.24
C ARG A 121 24.08 -22.20 1.05
N SER A 122 22.88 -21.67 0.80
CA SER A 122 22.06 -22.11 -0.34
C SER A 122 22.24 -21.25 -1.59
N LEU A 123 23.03 -20.19 -1.50
CA LEU A 123 23.14 -19.27 -2.62
C LEU A 123 24.07 -19.81 -3.71
N THR A 124 23.44 -20.26 -4.79
CA THR A 124 24.14 -20.92 -5.89
C THR A 124 23.84 -20.31 -7.26
N GLU A 125 22.85 -19.42 -7.35
CA GLU A 125 22.54 -18.78 -8.63
C GLU A 125 22.26 -17.26 -8.53
N ILE A 126 23.09 -16.47 -9.22
CA ILE A 126 22.79 -15.06 -9.42
C ILE A 126 22.72 -14.79 -10.90
N LEU A 127 21.50 -14.62 -11.39
CA LEU A 127 21.23 -14.47 -12.81
C LEU A 127 21.86 -13.21 -13.38
N LYS A 128 21.87 -12.15 -12.58
CA LYS A 128 22.17 -10.83 -13.10
C LYS A 128 22.70 -9.92 -12.03
N GLY A 129 23.83 -9.28 -12.31
CA GLY A 129 24.41 -8.30 -11.40
C GLY A 129 25.54 -8.88 -10.57
N GLY A 130 26.18 -8.02 -9.77
CA GLY A 130 27.46 -8.32 -9.15
C GLY A 130 27.42 -8.30 -7.65
N VAL A 131 28.59 -8.21 -7.02
CA VAL A 131 28.67 -8.23 -5.55
C VAL A 131 29.54 -7.10 -5.03
N LEU A 132 29.03 -6.43 -4.00
CA LEU A 132 29.68 -5.31 -3.35
C LEU A 132 29.68 -5.58 -1.85
N ILE A 133 30.86 -5.73 -1.28
CA ILE A 133 31.01 -6.00 0.16
C ILE A 133 32.04 -5.02 0.75
N GLN A 134 31.58 -4.09 1.58
CA GLN A 134 32.43 -2.96 2.05
C GLN A 134 32.19 -2.57 3.50
N ARG A 135 33.30 -2.24 4.18
CA ARG A 135 33.27 -1.67 5.52
C ARG A 135 32.41 -2.45 6.52
N ASN A 136 32.83 -3.68 6.80
CA ASN A 136 32.20 -4.58 7.78
C ASN A 136 33.28 -5.17 8.71
N PRO A 137 33.60 -4.46 9.82
CA PRO A 137 34.76 -4.73 10.67
C PRO A 137 34.86 -6.15 11.24
N GLN A 138 33.73 -6.80 11.45
CA GLN A 138 33.72 -8.14 12.04
C GLN A 138 33.40 -9.25 11.05
N LEU A 139 33.37 -8.94 9.76
CA LEU A 139 32.94 -9.93 8.76
C LEU A 139 34.06 -10.85 8.30
N CYS A 140 33.76 -12.15 8.23
CA CYS A 140 34.75 -13.14 7.78
C CYS A 140 34.27 -14.02 6.62
N TYR A 141 35.24 -14.64 5.94
CA TYR A 141 35.01 -15.65 4.92
C TYR A 141 34.48 -15.16 3.57
N GLN A 142 34.32 -13.86 3.40
CA GLN A 142 33.77 -13.37 2.13
C GLN A 142 34.80 -13.48 1.02
N ASP A 143 36.07 -13.26 1.37
CA ASP A 143 37.18 -13.35 0.44
C ASP A 143 37.39 -14.79 -0.04
N THR A 144 36.71 -15.71 0.62
CA THR A 144 36.95 -17.13 0.46
C THR A 144 36.10 -17.74 -0.66
N ILE A 145 34.97 -17.08 -0.96
CA ILE A 145 33.96 -17.64 -1.86
C ILE A 145 34.35 -17.55 -3.33
N LEU A 146 34.12 -18.62 -4.08
CA LEU A 146 34.33 -18.57 -5.54
C LEU A 146 33.07 -18.02 -6.22
N TRP A 147 33.07 -16.71 -6.45
CA TRP A 147 31.89 -16.01 -6.94
C TRP A 147 31.47 -16.43 -8.35
N LYS A 148 32.43 -16.68 -9.23
CA LYS A 148 32.09 -17.09 -10.59
C LYS A 148 31.20 -18.33 -10.69
N ASP A 149 31.25 -19.22 -9.70
CA ASP A 149 30.33 -20.36 -9.65
C ASP A 149 28.89 -19.96 -9.37
N ILE A 150 28.71 -18.91 -8.57
CA ILE A 150 27.36 -18.45 -8.23
C ILE A 150 26.76 -17.64 -9.35
N PHE A 151 27.60 -16.82 -9.99
CA PHE A 151 27.19 -16.06 -11.16
C PHE A 151 26.76 -16.98 -12.29
N HIS A 152 25.70 -16.58 -12.98
CA HIS A 152 25.20 -17.28 -14.16
C HIS A 152 26.23 -17.20 -15.27
N LYS A 153 26.15 -18.08 -16.26
CA LYS A 153 27.15 -18.13 -17.32
C LYS A 153 27.46 -16.78 -17.96
N ASN A 154 26.42 -16.02 -18.32
CA ASN A 154 26.59 -14.68 -18.89
C ASN A 154 27.06 -13.64 -17.88
N ASN A 155 27.07 -14.00 -16.60
CA ASN A 155 27.38 -13.10 -15.52
C ASN A 155 28.85 -13.12 -15.09
N GLN A 156 29.61 -14.10 -15.57
CA GLN A 156 31.02 -14.20 -15.18
C GLN A 156 31.65 -12.85 -14.90
N LEU A 157 31.39 -11.89 -15.79
CA LEU A 157 32.03 -10.60 -15.73
C LEU A 157 31.40 -9.60 -14.76
N ALA A 158 30.28 -9.98 -14.14
CA ALA A 158 29.65 -9.14 -13.12
C ALA A 158 30.76 -8.58 -12.25
N LEU A 159 30.62 -7.33 -11.84
CA LEU A 159 31.71 -6.73 -11.10
C LEU A 159 31.61 -7.02 -9.63
N THR A 160 32.77 -7.18 -9.01
CA THR A 160 32.87 -7.73 -7.68
C THR A 160 33.86 -6.88 -6.89
N LEU A 161 33.36 -5.99 -6.06
CA LEU A 161 34.22 -5.16 -5.25
C LEU A 161 34.12 -5.62 -3.81
N ILE A 162 35.22 -6.17 -3.31
CA ILE A 162 35.23 -6.87 -2.03
C ILE A 162 36.35 -6.43 -1.09
N ASP A 163 35.96 -5.63 -0.10
CA ASP A 163 36.81 -5.14 1.00
C ASP A 163 37.11 -6.28 1.98
N THR A 164 38.34 -6.35 2.49
CA THR A 164 38.70 -7.41 3.45
C THR A 164 39.17 -6.96 4.84
N ASN A 165 39.57 -5.71 4.99
CA ASN A 165 39.92 -5.16 6.31
C ASN A 165 38.95 -5.66 7.41
N ARG A 166 39.49 -6.22 8.49
CA ARG A 166 38.71 -6.70 9.63
C ARG A 166 39.25 -6.17 10.94
N SER A 167 38.61 -6.51 12.05
CA SER A 167 39.13 -6.17 13.36
C SER A 167 39.22 -7.42 14.22
N ARG A 168 39.27 -8.58 13.57
CA ARG A 168 39.46 -9.87 14.25
C ARG A 168 40.03 -10.91 13.29
N ALA A 169 40.78 -11.88 13.81
CA ALA A 169 41.26 -12.98 12.98
C ALA A 169 40.14 -13.99 12.83
N CYS A 170 40.06 -14.64 11.68
CA CYS A 170 39.01 -15.64 11.44
C CYS A 170 39.56 -17.03 11.72
N HIS A 171 38.74 -17.90 12.29
CA HIS A 171 39.09 -19.32 12.31
C HIS A 171 39.10 -19.86 10.87
N PRO A 172 39.81 -20.97 10.62
CA PRO A 172 39.78 -21.49 9.25
C PRO A 172 38.51 -22.28 8.92
N CYS A 173 38.06 -22.19 7.66
CA CYS A 173 36.94 -22.97 7.14
C CYS A 173 37.14 -24.44 7.51
N SER A 174 36.10 -25.04 8.09
CA SER A 174 36.11 -26.47 8.44
C SER A 174 36.90 -27.34 7.44
N PRO A 175 37.74 -28.27 7.96
CA PRO A 175 38.60 -29.09 7.08
C PRO A 175 37.74 -29.90 6.13
N MET A 176 36.45 -29.93 6.45
CA MET A 176 35.43 -30.66 5.72
C MET A 176 35.09 -30.02 4.36
N CYS A 177 35.44 -28.75 4.17
CA CYS A 177 35.10 -28.02 2.94
C CYS A 177 35.90 -28.47 1.71
N LYS A 178 35.21 -28.63 0.59
CA LYS A 178 35.79 -29.09 -0.70
C LYS A 178 37.08 -28.35 -1.12
N GLY A 179 37.01 -27.01 -1.17
CA GLY A 179 38.20 -26.16 -1.24
C GLY A 179 38.46 -25.69 0.16
N SER A 180 39.00 -24.49 0.33
CA SER A 180 38.99 -23.85 1.63
C SER A 180 38.05 -22.67 1.52
N ARG A 181 36.81 -22.96 1.14
CA ARG A 181 35.84 -21.99 0.71
C ARG A 181 34.52 -22.18 1.46
N CYS A 182 34.20 -21.24 2.35
CA CYS A 182 33.01 -21.36 3.18
C CYS A 182 32.28 -20.05 3.42
N TRP A 183 31.03 -20.18 3.87
CA TRP A 183 30.18 -19.07 4.29
C TRP A 183 30.24 -18.92 5.81
N GLY A 184 31.26 -19.47 6.44
CA GLY A 184 31.37 -19.44 7.89
C GLY A 184 32.11 -20.59 8.54
N GLU A 185 32.33 -20.46 9.84
CA GLU A 185 33.14 -21.38 10.66
C GLU A 185 32.65 -22.82 10.59
N SER A 186 31.34 -22.99 10.81
CA SER A 186 30.67 -24.27 10.86
C SER A 186 30.87 -25.10 9.58
N SER A 187 30.77 -26.42 9.73
CA SER A 187 30.95 -27.35 8.62
C SER A 187 29.76 -27.44 7.67
N GLU A 188 28.60 -26.92 8.08
CA GLU A 188 27.44 -26.86 7.20
C GLU A 188 27.64 -25.74 6.19
N ASP A 189 28.65 -24.92 6.42
CA ASP A 189 28.87 -23.66 5.70
C ASP A 189 29.78 -23.73 4.48
N CYS A 190 30.14 -24.94 4.05
CA CYS A 190 30.98 -25.07 2.86
C CYS A 190 30.19 -24.71 1.61
N GLN A 191 30.74 -23.83 0.77
CA GLN A 191 30.12 -23.44 -0.50
C GLN A 191 29.96 -24.67 -1.36
N SER A 192 28.75 -24.98 -1.78
CA SER A 192 28.60 -26.04 -2.76
C SER A 192 28.71 -25.47 -4.17
N LEU A 193 29.64 -26.02 -4.96
CA LEU A 193 29.92 -25.55 -6.30
C LEU A 193 29.05 -26.29 -7.31
N THR A 194 28.49 -25.58 -8.28
CA THR A 194 27.42 -26.15 -9.11
C THR A 194 27.53 -25.95 -10.62
N ARG A 195 28.25 -24.91 -11.02
CA ARG A 195 28.35 -24.54 -12.42
C ARG A 195 29.74 -24.89 -12.91
N THR A 196 30.74 -24.66 -12.08
CA THR A 196 32.13 -24.77 -12.51
C THR A 196 32.67 -26.19 -12.44
N VAL A 197 31.96 -27.07 -11.75
CA VAL A 197 32.47 -28.40 -11.44
C VAL A 197 31.78 -29.49 -12.29
N CYS A 198 31.23 -29.09 -13.44
CA CYS A 198 30.35 -29.96 -14.23
C CYS A 198 31.00 -30.71 -15.39
N ALA A 199 30.41 -31.86 -15.73
CA ALA A 199 30.92 -32.72 -16.81
C ALA A 199 30.45 -32.27 -18.20
N GLY A 200 31.41 -31.81 -19.01
CA GLY A 200 31.10 -31.16 -20.28
C GLY A 200 30.65 -29.72 -20.03
N GLY A 201 30.25 -29.03 -21.08
CA GLY A 201 29.85 -27.64 -20.97
C GLY A 201 28.56 -27.37 -20.19
N CYS A 202 28.26 -28.24 -19.22
CA CYS A 202 27.02 -28.19 -18.44
C CYS A 202 26.73 -26.89 -17.69
N ALA A 203 25.46 -26.48 -17.73
CA ALA A 203 25.00 -25.27 -17.06
C ALA A 203 25.10 -25.41 -15.55
N ARG A 204 24.31 -26.31 -14.99
CA ARG A 204 24.34 -26.62 -13.56
C ARG A 204 24.33 -28.13 -13.34
N CYS A 205 25.06 -28.60 -12.32
CA CYS A 205 25.09 -30.02 -11.97
C CYS A 205 25.09 -30.23 -10.46
N LYS A 206 24.72 -31.44 -10.04
CA LYS A 206 24.77 -31.82 -8.64
C LYS A 206 26.03 -32.66 -8.31
N GLY A 207 26.81 -32.97 -9.33
CA GLY A 207 27.98 -33.81 -9.14
C GLY A 207 28.83 -34.01 -10.39
N PRO A 208 30.05 -34.55 -10.22
CA PRO A 208 31.02 -34.66 -11.30
C PRO A 208 30.57 -35.48 -12.50
N LEU A 209 29.62 -36.39 -12.30
CA LEU A 209 29.19 -37.32 -13.35
C LEU A 209 28.26 -36.65 -14.35
N PRO A 210 28.33 -37.09 -15.63
CA PRO A 210 27.52 -36.53 -16.71
C PRO A 210 26.03 -36.64 -16.42
N THR A 211 25.61 -37.77 -15.86
CA THR A 211 24.21 -37.98 -15.48
C THR A 211 23.81 -37.19 -14.23
N ASP A 212 24.76 -36.44 -13.66
CA ASP A 212 24.48 -35.57 -12.50
C ASP A 212 24.16 -34.15 -12.95
N CYS A 213 24.19 -33.94 -14.26
CA CYS A 213 23.86 -32.65 -14.83
C CYS A 213 22.38 -32.33 -14.65
N CYS A 214 22.10 -31.06 -14.39
CA CYS A 214 20.73 -30.58 -14.20
C CYS A 214 19.99 -30.36 -15.51
N HIS A 215 18.67 -30.30 -15.42
CA HIS A 215 17.87 -30.00 -16.60
C HIS A 215 18.14 -28.57 -17.10
N GLU A 216 18.01 -28.41 -18.41
CA GLU A 216 18.24 -27.14 -19.08
C GLU A 216 17.41 -25.99 -18.49
N GLN A 217 16.27 -26.32 -17.87
CA GLN A 217 15.36 -25.33 -17.29
C GLN A 217 15.61 -25.01 -15.82
N CYS A 218 16.55 -25.74 -15.21
CA CYS A 218 16.88 -25.55 -13.80
C CYS A 218 17.75 -24.34 -13.56
N ALA A 219 17.66 -23.75 -12.37
CA ALA A 219 18.38 -22.52 -12.10
C ALA A 219 19.53 -22.57 -11.08
N ALA A 220 19.30 -23.02 -9.85
CA ALA A 220 20.42 -23.00 -8.90
C ALA A 220 21.20 -24.31 -8.87
N GLY A 221 20.47 -25.39 -9.10
CA GLY A 221 20.97 -26.75 -9.06
C GLY A 221 19.78 -27.68 -9.10
N CYS A 222 20.02 -28.96 -8.81
CA CYS A 222 18.94 -29.94 -8.82
C CYS A 222 19.24 -31.15 -7.95
N THR A 223 18.32 -32.10 -7.95
CA THR A 223 18.50 -33.37 -7.28
C THR A 223 18.05 -34.48 -8.24
N GLY A 224 18.40 -34.31 -9.51
CA GLY A 224 18.01 -35.25 -10.55
C GLY A 224 17.92 -34.56 -11.90
N PRO A 225 18.00 -35.36 -12.97
CA PRO A 225 18.05 -34.81 -14.33
C PRO A 225 16.71 -34.27 -14.86
N LYS A 226 15.62 -34.50 -14.12
CA LYS A 226 14.30 -34.02 -14.53
C LYS A 226 14.10 -32.51 -14.32
N HIS A 227 13.20 -31.92 -15.09
CA HIS A 227 12.76 -30.53 -14.89
C HIS A 227 11.78 -30.40 -13.72
N SER A 228 11.54 -31.54 -13.07
CA SER A 228 10.75 -31.63 -11.87
C SER A 228 11.66 -31.77 -10.66
N ASP A 229 12.98 -31.72 -10.90
CA ASP A 229 13.98 -31.95 -9.86
C ASP A 229 14.84 -30.72 -9.58
N CYS A 230 14.44 -29.55 -10.09
CA CYS A 230 15.25 -28.31 -10.00
C CYS A 230 15.29 -27.71 -8.61
N LEU A 231 16.38 -27.02 -8.29
CA LEU A 231 16.42 -26.23 -7.06
C LEU A 231 15.76 -24.88 -7.31
N ALA A 232 15.79 -24.40 -8.55
CA ALA A 232 14.98 -23.25 -8.95
C ALA A 232 14.70 -23.28 -10.44
N CYS A 233 13.65 -22.59 -10.84
CA CYS A 233 13.27 -22.49 -12.25
C CYS A 233 14.01 -21.35 -12.90
N LEU A 234 14.71 -21.63 -14.00
CA LEU A 234 15.39 -20.57 -14.75
C LEU A 234 14.41 -19.57 -15.34
N HIS A 235 13.27 -20.07 -15.81
CA HIS A 235 12.26 -19.22 -16.41
C HIS A 235 10.92 -19.17 -15.67
N PHE A 236 10.12 -20.24 -15.76
CA PHE A 236 8.81 -20.23 -15.15
C PHE A 236 8.46 -21.53 -14.42
N ASN A 237 7.85 -21.40 -13.24
CA ASN A 237 7.44 -22.55 -12.43
C ASN A 237 6.00 -23.03 -12.70
N HIS A 238 5.84 -23.90 -13.68
CA HIS A 238 4.52 -24.46 -14.02
C HIS A 238 4.19 -25.67 -13.12
N SER A 239 3.71 -25.37 -11.90
CA SER A 239 3.24 -26.38 -10.94
C SER A 239 4.27 -27.48 -10.69
N GLY A 240 5.49 -27.06 -10.34
CA GLY A 240 6.58 -28.00 -10.05
C GLY A 240 7.51 -28.27 -11.22
N ILE A 241 7.00 -28.06 -12.43
CA ILE A 241 7.76 -28.28 -13.65
C ILE A 241 8.38 -26.95 -14.05
N CYS A 242 9.66 -26.93 -14.39
CA CYS A 242 10.27 -25.71 -14.91
C CYS A 242 10.16 -25.63 -16.45
N GLU A 243 9.69 -24.49 -16.94
CA GLU A 243 9.40 -24.30 -18.37
C GLU A 243 9.85 -22.94 -18.96
N LEU A 244 10.05 -22.92 -20.28
CA LEU A 244 10.48 -21.71 -20.97
C LEU A 244 9.37 -20.68 -21.00
N HIS A 245 8.15 -21.16 -21.25
CA HIS A 245 6.96 -20.31 -21.28
C HIS A 245 5.84 -20.96 -20.46
N CYS A 246 4.78 -20.21 -20.19
CA CYS A 246 3.60 -20.79 -19.59
C CYS A 246 2.69 -21.24 -20.74
N PRO A 247 1.98 -22.37 -20.56
CA PRO A 247 1.01 -22.81 -21.56
C PRO A 247 0.04 -21.68 -21.93
N ALA A 248 0.00 -21.32 -23.22
CA ALA A 248 -0.73 -20.15 -23.70
C ALA A 248 -2.24 -20.19 -23.48
N LEU A 249 -2.82 -19.02 -23.24
CA LEU A 249 -4.27 -18.88 -22.96
C LEU A 249 -5.18 -19.38 -24.07
N VAL A 250 -4.73 -19.27 -25.32
CA VAL A 250 -5.59 -19.56 -26.45
C VAL A 250 -4.91 -20.44 -27.53
N THR A 251 -5.62 -21.46 -27.98
CA THR A 251 -5.11 -22.38 -28.99
C THR A 251 -5.86 -22.20 -30.31
N TYR A 252 -5.13 -22.11 -31.43
CA TYR A 252 -5.75 -22.14 -32.76
C TYR A 252 -6.11 -23.57 -33.16
N ASN A 253 -7.37 -23.78 -33.52
CA ASN A 253 -7.82 -25.09 -33.96
C ASN A 253 -7.82 -25.18 -35.50
N THR A 254 -7.04 -26.13 -36.03
CA THR A 254 -6.92 -26.32 -37.50
C THR A 254 -8.16 -26.89 -38.17
N ASP A 255 -8.98 -27.61 -37.40
CA ASP A 255 -10.17 -28.28 -37.92
C ASP A 255 -11.45 -27.44 -37.82
N THR A 256 -11.29 -26.14 -37.57
CA THR A 256 -12.40 -25.20 -37.38
C THR A 256 -11.94 -23.75 -37.54
N PHE A 257 -10.65 -23.58 -37.77
CA PHE A 257 -10.09 -22.28 -38.12
C PHE A 257 -10.48 -21.19 -37.14
N GLU A 258 -10.58 -21.55 -35.87
CA GLU A 258 -10.81 -20.58 -34.81
C GLU A 258 -10.04 -20.90 -33.55
N SER A 259 -9.85 -19.86 -32.73
CA SER A 259 -9.02 -19.96 -31.54
C SER A 259 -9.85 -20.15 -30.26
N MET A 260 -10.16 -21.40 -29.95
CA MET A 260 -10.78 -21.75 -28.66
C MET A 260 -9.72 -21.81 -27.54
N PRO A 261 -9.99 -21.17 -26.39
CA PRO A 261 -9.09 -21.11 -25.23
C PRO A 261 -8.57 -22.46 -24.75
N ASN A 262 -7.30 -22.47 -24.34
CA ASN A 262 -6.67 -23.66 -23.78
C ASN A 262 -7.11 -23.87 -22.34
N PRO A 263 -7.71 -25.03 -22.03
CA PRO A 263 -8.04 -25.32 -20.63
C PRO A 263 -6.78 -25.38 -19.76
N GLU A 264 -5.63 -25.60 -20.39
CA GLU A 264 -4.32 -25.62 -19.72
C GLU A 264 -3.71 -24.22 -19.60
N GLY A 265 -4.41 -23.22 -20.15
CA GLY A 265 -3.94 -21.83 -20.19
C GLY A 265 -3.50 -21.29 -18.84
N ARG A 266 -2.42 -20.52 -18.83
CA ARG A 266 -1.88 -19.98 -17.59
C ARG A 266 -1.48 -18.51 -17.73
N TYR A 267 -1.28 -17.84 -16.60
CA TYR A 267 -0.81 -16.47 -16.57
C TYR A 267 0.59 -16.44 -15.98
N THR A 268 1.44 -15.56 -16.49
CA THR A 268 2.81 -15.44 -15.97
C THR A 268 2.83 -14.47 -14.82
N PHE A 269 3.04 -15.01 -13.62
CA PHE A 269 3.16 -14.20 -12.42
C PHE A 269 4.60 -14.30 -11.93
N GLY A 270 5.27 -13.15 -11.90
CA GLY A 270 6.68 -13.13 -11.54
C GLY A 270 7.41 -14.20 -12.33
N ALA A 271 7.81 -15.28 -11.65
CA ALA A 271 8.56 -16.37 -12.29
C ALA A 271 7.85 -17.69 -12.09
N SER A 272 6.53 -17.62 -12.12
CA SER A 272 5.69 -18.76 -11.89
C SER A 272 4.44 -18.64 -12.76
N CYS A 273 4.03 -19.77 -13.34
CA CYS A 273 2.77 -19.86 -14.09
C CYS A 273 1.59 -19.95 -13.11
N VAL A 274 0.44 -19.43 -13.53
CA VAL A 274 -0.68 -19.23 -12.62
C VAL A 274 -2.08 -19.33 -13.28
N THR A 275 -3.06 -19.85 -12.55
CA THR A 275 -4.39 -20.06 -13.12
C THR A 275 -5.12 -18.76 -13.35
N ALA A 276 -5.20 -17.92 -12.31
CA ALA A 276 -5.74 -16.59 -12.44
C ALA A 276 -4.83 -15.65 -11.69
N CYS A 277 -4.87 -14.36 -12.01
CA CYS A 277 -4.05 -13.35 -11.33
C CYS A 277 -4.36 -13.21 -9.84
N PRO A 278 -3.35 -12.89 -9.02
CA PRO A 278 -3.62 -12.66 -7.62
C PRO A 278 -4.39 -11.35 -7.40
N TYR A 279 -4.86 -11.15 -6.17
CA TYR A 279 -5.89 -10.19 -5.89
C TYR A 279 -5.75 -8.80 -6.50
N ASN A 280 -4.64 -8.11 -6.27
CA ASN A 280 -4.65 -6.72 -6.71
C ASN A 280 -4.15 -6.49 -8.15
N TYR A 281 -3.97 -7.57 -8.90
CA TYR A 281 -3.30 -7.53 -10.20
C TYR A 281 -4.25 -7.52 -11.36
N LEU A 282 -3.75 -7.12 -12.52
CA LEU A 282 -4.56 -7.06 -13.73
C LEU A 282 -4.16 -8.15 -14.73
N SER A 283 -5.15 -8.72 -15.42
CA SER A 283 -4.90 -9.76 -16.42
C SER A 283 -4.90 -9.18 -17.81
N THR A 284 -3.83 -9.44 -18.55
CA THR A 284 -3.61 -8.85 -19.86
C THR A 284 -4.01 -9.79 -20.99
N ASP A 285 -4.29 -9.22 -22.16
CA ASP A 285 -4.54 -10.00 -23.38
C ASP A 285 -3.34 -10.86 -23.73
N VAL A 286 -2.16 -10.26 -23.57
CA VAL A 286 -0.87 -10.91 -23.83
C VAL A 286 -0.50 -12.01 -22.78
N GLY A 287 -1.40 -12.29 -21.84
CA GLY A 287 -1.28 -13.45 -20.96
C GLY A 287 -0.55 -13.29 -19.63
N SER A 288 -0.29 -12.05 -19.22
CA SER A 288 0.46 -11.77 -17.98
C SER A 288 -0.41 -11.14 -16.90
N CYS A 289 0.12 -11.09 -15.67
CA CYS A 289 -0.49 -10.40 -14.52
C CYS A 289 0.33 -9.17 -14.20
N THR A 290 -0.27 -7.99 -14.35
CA THR A 290 0.50 -6.77 -14.13
C THR A 290 -0.18 -5.81 -13.17
N LEU A 291 0.57 -4.79 -12.75
CA LEU A 291 0.01 -3.73 -11.93
C LEU A 291 -0.38 -2.51 -12.76
N VAL A 292 -0.11 -2.55 -14.07
CA VAL A 292 -0.44 -1.46 -15.00
C VAL A 292 -0.77 -1.97 -16.42
N CYS A 293 -1.77 -1.39 -17.07
CA CYS A 293 -2.09 -1.73 -18.46
C CYS A 293 -1.12 -1.06 -19.45
N PRO A 294 -0.83 -1.73 -20.59
CA PRO A 294 -0.05 -1.10 -21.67
C PRO A 294 -0.79 0.02 -22.41
N LEU A 295 -0.08 0.69 -23.33
CA LEU A 295 -0.68 1.71 -24.21
C LEU A 295 -1.85 1.07 -24.97
N HIS A 296 -2.81 1.92 -25.38
CA HIS A 296 -4.04 1.48 -26.06
C HIS A 296 -4.92 0.57 -25.21
N ASN A 297 -4.43 0.21 -24.02
CA ASN A 297 -5.16 -0.67 -23.10
C ASN A 297 -5.88 0.05 -21.96
N GLN A 298 -7.08 -0.46 -21.66
CA GLN A 298 -8.09 0.16 -20.82
C GLN A 298 -8.45 -0.77 -19.67
N GLU A 299 -8.53 -0.21 -18.47
CA GLU A 299 -8.84 -0.96 -17.27
C GLU A 299 -10.34 -1.21 -17.20
N VAL A 300 -10.76 -2.47 -17.13
CA VAL A 300 -12.20 -2.80 -17.05
C VAL A 300 -12.57 -3.75 -15.92
N THR A 301 -13.44 -3.29 -15.01
CA THR A 301 -13.92 -4.11 -13.90
C THR A 301 -14.96 -5.12 -14.36
N ALA A 302 -14.73 -6.40 -14.05
CA ALA A 302 -15.70 -7.46 -14.33
C ALA A 302 -16.90 -7.33 -13.39
N GLU A 303 -18.04 -7.87 -13.82
CA GLU A 303 -19.29 -7.85 -13.03
C GLU A 303 -19.09 -8.39 -11.61
N ASP A 304 -18.13 -9.30 -11.46
CA ASP A 304 -17.73 -9.84 -10.16
C ASP A 304 -16.95 -8.78 -9.37
N GLY A 305 -15.70 -8.56 -9.76
CA GLY A 305 -14.81 -7.59 -9.12
C GLY A 305 -13.47 -7.58 -9.82
N THR A 306 -13.15 -8.72 -10.44
CA THR A 306 -11.95 -8.90 -11.26
C THR A 306 -11.63 -7.70 -12.15
N GLN A 307 -10.35 -7.36 -12.24
CA GLN A 307 -9.87 -6.31 -13.14
C GLN A 307 -9.10 -6.94 -14.30
N ARG A 308 -9.17 -6.28 -15.46
CA ARG A 308 -8.60 -6.81 -16.68
C ARG A 308 -8.13 -5.66 -17.56
N CYS A 309 -7.08 -5.89 -18.35
CA CYS A 309 -6.74 -4.97 -19.44
C CYS A 309 -7.37 -5.45 -20.75
N GLU A 310 -7.91 -4.53 -21.54
CA GLU A 310 -8.43 -4.82 -22.87
C GLU A 310 -8.17 -3.66 -23.83
N LYS A 311 -8.11 -3.97 -25.13
CA LYS A 311 -7.90 -2.97 -26.17
C LYS A 311 -9.07 -1.99 -26.27
N CYS A 312 -8.77 -0.73 -26.54
CA CYS A 312 -9.79 0.31 -26.71
C CYS A 312 -10.43 0.20 -28.09
N SER A 313 -11.76 0.24 -28.14
CA SER A 313 -12.49 0.15 -29.42
C SER A 313 -12.44 1.49 -30.16
N LYS A 314 -12.90 2.54 -29.49
CA LYS A 314 -12.61 3.92 -29.90
C LYS A 314 -11.38 4.34 -29.11
N PRO A 315 -10.48 5.16 -29.72
CA PRO A 315 -9.26 5.59 -29.01
C PRO A 315 -9.58 6.02 -27.57
N CYS A 316 -8.89 5.39 -26.61
CA CYS A 316 -9.15 5.52 -25.17
C CYS A 316 -9.48 6.94 -24.68
N ALA A 317 -10.49 7.05 -23.83
CA ALA A 317 -10.94 8.36 -23.33
C ALA A 317 -9.94 8.96 -22.34
N ARG A 318 -9.94 10.28 -22.21
CA ARG A 318 -9.05 11.00 -21.27
C ARG A 318 -9.20 10.48 -19.85
N VAL A 319 -8.11 10.57 -19.09
CA VAL A 319 -8.03 9.94 -17.78
C VAL A 319 -7.10 10.72 -16.83
N CYS A 320 -7.39 10.72 -15.54
CA CYS A 320 -6.57 11.50 -14.62
C CYS A 320 -5.34 10.74 -14.16
N TYR A 321 -4.19 11.34 -14.38
CA TYR A 321 -2.96 10.71 -13.99
C TYR A 321 -2.38 11.32 -12.74
N GLY A 322 -2.04 10.45 -11.79
CA GLY A 322 -1.44 10.88 -10.54
C GLY A 322 0.06 10.97 -10.65
N LEU A 323 0.71 11.32 -9.53
CA LEU A 323 2.15 11.43 -9.51
C LEU A 323 2.73 10.07 -9.79
N GLY A 324 3.86 10.07 -10.50
CA GLY A 324 4.53 8.84 -10.88
C GLY A 324 3.98 8.25 -12.16
N MET A 325 3.16 9.01 -12.88
CA MET A 325 2.51 8.45 -14.03
C MET A 325 2.39 9.44 -15.16
N GLU A 326 2.69 8.98 -16.37
CA GLU A 326 2.58 9.76 -17.61
C GLU A 326 3.38 11.07 -17.50
N HIS A 327 2.75 12.22 -17.67
CA HIS A 327 3.49 13.49 -17.62
C HIS A 327 3.82 13.92 -16.18
N LEU A 328 3.30 13.18 -15.20
CA LEU A 328 3.63 13.43 -13.80
C LEU A 328 4.62 12.41 -13.25
N ARG A 329 5.20 11.59 -14.13
CA ARG A 329 6.09 10.51 -13.72
C ARG A 329 7.16 11.02 -12.79
N GLU A 330 7.73 12.16 -13.13
CA GLU A 330 8.89 12.71 -12.45
C GLU A 330 8.50 13.60 -11.28
N VAL A 331 7.22 13.94 -11.17
CA VAL A 331 6.75 14.98 -10.24
C VAL A 331 6.63 14.44 -8.81
N ARG A 332 7.11 15.23 -7.85
CA ARG A 332 7.27 14.79 -6.46
C ARG A 332 6.11 15.08 -5.48
N ALA A 333 5.34 16.13 -5.75
CA ALA A 333 4.29 16.52 -4.83
C ALA A 333 3.13 17.19 -5.53
N VAL A 334 1.99 17.24 -4.85
CA VAL A 334 0.85 17.98 -5.35
C VAL A 334 1.03 19.49 -5.03
N THR A 335 1.01 20.33 -6.06
CA THR A 335 1.21 21.79 -5.87
C THR A 335 0.22 22.65 -6.65
N SER A 336 0.37 23.97 -6.53
CA SER A 336 -0.48 24.89 -7.27
C SER A 336 -0.29 24.73 -8.78
N ALA A 337 0.85 24.20 -9.19
CA ALA A 337 1.13 24.07 -10.61
C ALA A 337 0.36 22.94 -11.28
N ASN A 338 -0.05 21.95 -10.51
CA ASN A 338 -0.73 20.76 -11.07
C ASN A 338 -2.06 20.41 -10.41
N ILE A 339 -2.45 21.18 -9.40
CA ILE A 339 -3.66 20.88 -8.64
C ILE A 339 -4.90 20.80 -9.54
N GLN A 340 -4.95 21.65 -10.56
CA GLN A 340 -6.09 21.70 -11.45
C GLN A 340 -6.35 20.41 -12.22
N GLU A 341 -5.28 19.69 -12.54
CA GLU A 341 -5.40 18.48 -13.35
C GLU A 341 -6.26 17.43 -12.69
N PHE A 342 -6.63 17.66 -11.43
CA PHE A 342 -7.46 16.71 -10.69
C PHE A 342 -8.91 17.14 -10.55
N ALA A 343 -9.21 18.34 -11.06
CA ALA A 343 -10.55 18.91 -11.04
C ALA A 343 -11.62 17.90 -11.42
N GLY A 344 -12.44 17.52 -10.44
CA GLY A 344 -13.55 16.60 -10.68
C GLY A 344 -13.18 15.22 -11.19
N CYS A 345 -12.02 14.71 -10.78
CA CYS A 345 -11.66 13.32 -11.05
C CYS A 345 -12.31 12.38 -10.08
N LYS A 346 -12.90 11.30 -10.59
CA LYS A 346 -13.45 10.26 -9.72
C LYS A 346 -12.38 9.24 -9.39
N LYS A 347 -11.41 9.09 -10.28
CA LYS A 347 -10.37 8.07 -10.15
C LYS A 347 -9.04 8.60 -10.61
N ILE A 348 -8.02 8.49 -9.76
CA ILE A 348 -6.66 8.94 -10.10
C ILE A 348 -5.74 7.74 -10.35
N PHE A 349 -5.30 7.63 -11.61
CA PHE A 349 -4.32 6.62 -12.02
C PHE A 349 -2.92 7.07 -11.58
N GLY A 350 -2.46 6.65 -10.41
CA GLY A 350 -1.21 7.14 -9.86
C GLY A 350 -1.32 7.44 -8.37
N SER A 351 -0.51 8.36 -7.87
CA SER A 351 -0.53 8.62 -6.43
C SER A 351 -0.64 10.09 -6.09
N LEU A 352 -0.81 10.38 -4.80
CA LEU A 352 -0.81 11.77 -4.34
C LEU A 352 0.09 11.93 -3.13
N ALA A 353 0.96 12.94 -3.18
CA ALA A 353 1.81 13.27 -2.06
C ALA A 353 1.61 14.72 -1.71
N PHE A 354 1.53 15.00 -0.42
CA PHE A 354 1.55 16.37 0.08
C PHE A 354 2.76 16.52 1.00
N LEU A 355 3.73 17.29 0.53
CA LEU A 355 4.94 17.60 1.28
C LEU A 355 4.88 19.07 1.72
N PRO A 356 5.71 19.45 2.70
CA PRO A 356 5.89 20.86 3.04
C PRO A 356 6.00 21.80 1.84
N GLU A 357 6.69 21.40 0.78
CA GLU A 357 6.83 22.28 -0.37
C GLU A 357 5.48 22.48 -1.07
N SER A 358 4.58 21.51 -0.93
CA SER A 358 3.22 21.65 -1.42
C SER A 358 2.62 22.91 -0.84
N PHE A 359 2.74 23.08 0.48
CA PHE A 359 2.03 24.14 1.19
C PHE A 359 2.77 25.48 1.37
N ASP A 360 4.08 25.46 1.54
CA ASP A 360 4.86 26.69 1.41
C ASP A 360 5.48 26.62 0.04
N GLY A 361 5.10 27.49 -0.87
CA GLY A 361 5.39 27.24 -2.29
C GLY A 361 6.85 27.14 -2.65
N ASP A 362 7.20 27.63 -3.85
CA ASP A 362 8.60 27.69 -4.29
C ASP A 362 8.88 28.88 -5.22
N PRO A 363 9.33 30.00 -4.65
CA PRO A 363 9.74 31.17 -5.41
C PRO A 363 10.72 30.89 -6.56
N ALA A 364 11.54 29.84 -6.43
CA ALA A 364 12.57 29.55 -7.46
C ALA A 364 11.95 29.15 -8.80
N SER A 365 10.72 28.66 -8.72
CA SER A 365 9.90 28.29 -9.87
C SER A 365 8.75 29.24 -9.95
N ASN A 366 8.74 30.25 -9.08
CA ASN A 366 7.50 30.91 -8.63
C ASN A 366 6.25 30.04 -8.78
N THR A 367 6.20 28.96 -8.01
CA THR A 367 4.96 28.23 -7.82
C THR A 367 4.36 28.68 -6.48
N ALA A 368 3.13 29.17 -6.52
CA ALA A 368 2.49 29.74 -5.35
C ALA A 368 2.20 28.67 -4.28
N PRO A 369 2.26 29.06 -3.00
CA PRO A 369 1.87 28.09 -1.97
C PRO A 369 0.46 27.65 -2.25
N LEU A 370 0.22 26.35 -2.17
CA LEU A 370 -1.11 25.76 -2.33
C LEU A 370 -2.01 26.26 -1.21
N GLN A 371 -3.22 26.65 -1.57
CA GLN A 371 -4.14 27.27 -0.64
C GLN A 371 -5.14 26.22 -0.16
N PRO A 372 -5.48 26.23 1.15
CA PRO A 372 -6.41 25.20 1.66
C PRO A 372 -7.64 24.96 0.77
N GLU A 373 -8.38 26.02 0.45
CA GLU A 373 -9.59 25.90 -0.38
C GLU A 373 -9.38 25.09 -1.67
N GLN A 374 -8.21 25.25 -2.30
CA GLN A 374 -7.86 24.50 -3.51
C GLN A 374 -7.94 22.97 -3.38
N LEU A 375 -7.75 22.47 -2.17
CA LEU A 375 -7.82 21.02 -1.91
C LEU A 375 -9.19 20.43 -2.20
N GLN A 376 -10.15 21.32 -2.45
CA GLN A 376 -11.52 20.93 -2.75
C GLN A 376 -11.68 20.22 -4.09
N VAL A 377 -10.65 20.22 -4.94
CA VAL A 377 -10.77 19.50 -6.20
C VAL A 377 -10.96 18.00 -5.96
N PHE A 378 -10.42 17.52 -4.83
CA PHE A 378 -10.43 16.08 -4.54
C PHE A 378 -11.74 15.62 -3.91
N GLU A 379 -12.69 16.53 -3.77
CA GLU A 379 -13.93 16.18 -3.10
C GLU A 379 -14.72 15.08 -3.81
N THR A 380 -14.47 14.90 -5.10
CA THR A 380 -15.15 13.84 -5.84
C THR A 380 -14.35 12.53 -5.90
N LEU A 381 -13.08 12.58 -5.54
CA LEU A 381 -12.22 11.41 -5.68
C LEU A 381 -12.70 10.19 -4.90
N GLU A 382 -12.75 9.06 -5.60
CA GLU A 382 -13.24 7.81 -5.04
C GLU A 382 -12.18 6.72 -5.02
N GLU A 383 -11.20 6.80 -5.92
CA GLU A 383 -10.18 5.74 -6.08
C GLU A 383 -8.79 6.26 -6.45
N ILE A 384 -7.78 5.68 -5.79
CA ILE A 384 -6.37 5.94 -6.07
C ILE A 384 -5.69 4.59 -6.36
N THR A 385 -5.07 4.46 -7.52
CA THR A 385 -4.47 3.19 -7.91
C THR A 385 -3.13 3.01 -7.22
N GLY A 386 -2.48 4.12 -6.90
CA GLY A 386 -1.17 4.08 -6.26
C GLY A 386 -1.28 4.21 -4.76
N TYR A 387 -0.56 5.19 -4.21
CA TYR A 387 -0.56 5.44 -2.76
C TYR A 387 -0.97 6.86 -2.41
N LEU A 388 -1.02 7.13 -1.11
CA LEU A 388 -1.39 8.43 -0.58
C LEU A 388 -0.46 8.76 0.56
N TYR A 389 0.29 9.85 0.39
CA TYR A 389 1.37 10.22 1.31
C TYR A 389 1.17 11.67 1.77
N ILE A 390 0.99 11.85 3.08
CA ILE A 390 0.76 13.19 3.63
C ILE A 390 1.72 13.52 4.78
N SER A 391 2.70 14.38 4.50
CA SER A 391 3.63 14.85 5.52
C SER A 391 3.46 16.34 5.87
N ALA A 392 2.45 16.96 5.28
CA ALA A 392 2.09 18.34 5.59
C ALA A 392 0.61 18.50 5.24
N TRP A 393 -0.10 19.27 6.06
CA TRP A 393 -1.54 19.48 5.89
C TRP A 393 -1.87 20.83 6.52
N PRO A 394 -2.72 21.64 5.90
CA PRO A 394 -2.90 22.98 6.46
C PRO A 394 -3.46 22.94 7.88
N ASP A 395 -2.82 23.66 8.80
CA ASP A 395 -3.24 23.63 10.21
C ASP A 395 -4.67 24.10 10.44
N SER A 396 -5.21 24.84 9.48
CA SER A 396 -6.57 25.28 9.62
C SER A 396 -7.59 24.17 9.35
N LEU A 397 -7.18 23.04 8.79
CA LEU A 397 -8.12 21.93 8.65
C LEU A 397 -7.87 20.86 9.71
N PRO A 398 -8.92 20.47 10.45
CA PRO A 398 -8.74 19.56 11.58
C PRO A 398 -8.73 18.10 11.17
N ASP A 399 -9.10 17.80 9.93
CA ASP A 399 -9.14 16.42 9.46
C ASP A 399 -8.91 16.36 7.96
N LEU A 400 -8.98 15.15 7.41
CA LEU A 400 -8.75 14.92 5.99
C LEU A 400 -10.06 14.76 5.22
N SER A 401 -11.14 15.35 5.72
CA SER A 401 -12.43 15.26 5.08
C SER A 401 -12.50 15.65 3.58
N VAL A 402 -11.49 16.35 3.05
CA VAL A 402 -11.46 16.61 1.60
C VAL A 402 -11.48 15.28 0.85
N PHE A 403 -11.03 14.23 1.53
CA PHE A 403 -11.00 12.89 0.98
C PHE A 403 -12.16 12.04 1.54
N GLN A 404 -13.22 12.74 1.93
CA GLN A 404 -14.43 12.16 2.50
C GLN A 404 -15.04 11.01 1.68
N ASN A 405 -14.99 11.14 0.35
CA ASN A 405 -15.59 10.20 -0.58
C ASN A 405 -14.63 9.15 -1.11
N LEU A 406 -13.36 9.25 -0.71
CA LEU A 406 -12.37 8.27 -1.12
C LEU A 406 -12.68 6.89 -0.55
N GLN A 407 -12.79 5.92 -1.44
CA GLN A 407 -13.21 4.56 -1.09
C GLN A 407 -12.07 3.55 -1.08
N VAL A 408 -11.32 3.47 -2.18
CA VAL A 408 -10.16 2.58 -2.23
C VAL A 408 -8.87 3.26 -2.63
N ILE A 409 -7.82 2.89 -1.91
CA ILE A 409 -6.44 3.10 -2.30
C ILE A 409 -5.89 1.71 -2.67
N ARG A 410 -5.54 1.54 -3.94
CA ARG A 410 -5.24 0.19 -4.42
C ARG A 410 -3.89 -0.29 -3.94
N GLY A 411 -2.92 0.62 -3.84
CA GLY A 411 -1.62 0.27 -3.36
C GLY A 411 -0.79 -0.42 -4.41
N ARG A 412 -1.20 -0.31 -5.68
CA ARG A 412 -0.42 -0.92 -6.78
C ARG A 412 0.97 -0.30 -6.96
N ILE A 413 1.13 0.92 -6.47
CA ILE A 413 2.42 1.58 -6.31
C ILE A 413 2.51 1.92 -4.82
N LEU A 414 3.69 1.78 -4.22
CA LEU A 414 3.83 2.01 -2.77
C LEU A 414 4.92 2.99 -2.42
N HIS A 415 4.65 3.91 -1.49
CA HIS A 415 5.67 4.85 -1.09
C HIS A 415 6.83 4.08 -0.44
N ASN A 416 8.04 4.28 -1.00
CA ASN A 416 9.28 3.53 -0.63
C ASN A 416 9.14 2.02 -0.88
N GLY A 417 8.19 1.68 -1.75
CA GLY A 417 7.86 0.31 -2.08
C GLY A 417 7.29 -0.43 -0.90
N ALA A 418 6.71 0.30 0.05
CA ALA A 418 6.21 -0.32 1.28
C ALA A 418 4.83 0.10 1.70
N TYR A 419 4.55 1.40 1.60
CA TYR A 419 3.41 1.97 2.25
C TYR A 419 2.39 2.51 1.28
N SER A 420 1.14 2.11 1.49
CA SER A 420 0.03 2.57 0.65
C SER A 420 -0.64 3.80 1.25
N LEU A 421 -0.61 3.92 2.58
CA LEU A 421 -1.11 5.11 3.26
C LEU A 421 -0.17 5.54 4.38
N THR A 422 0.23 6.82 4.38
CA THR A 422 1.20 7.33 5.33
C THR A 422 0.76 8.72 5.80
N LEU A 423 0.70 8.93 7.12
CA LEU A 423 0.44 10.26 7.66
C LEU A 423 1.45 10.58 8.76
N GLN A 424 2.27 11.61 8.54
CA GLN A 424 3.23 11.99 9.54
C GLN A 424 3.43 13.49 9.72
N GLY A 425 3.67 13.89 10.97
CA GLY A 425 3.86 15.28 11.36
C GLY A 425 2.70 16.22 11.04
N LEU A 426 1.46 15.83 11.37
CA LEU A 426 0.34 16.54 10.75
C LEU A 426 -0.44 17.57 11.56
N GLY A 427 -0.66 17.34 12.84
CA GLY A 427 -1.51 18.29 13.55
C GLY A 427 -3.02 18.32 13.30
N ILE A 428 -3.53 17.43 12.43
CA ILE A 428 -4.96 17.09 12.37
C ILE A 428 -5.41 16.39 13.65
N SER A 429 -6.66 16.64 14.06
CA SER A 429 -7.25 16.02 15.26
C SER A 429 -8.03 14.72 15.04
N TRP A 430 -8.59 14.54 13.85
CA TRP A 430 -9.16 13.24 13.49
C TRP A 430 -8.96 12.97 11.99
N LEU A 431 -9.44 11.82 11.50
CA LEU A 431 -9.19 11.41 10.12
C LEU A 431 -10.30 11.86 9.16
N GLY A 432 -11.48 11.28 9.29
CA GLY A 432 -12.63 11.75 8.52
C GLY A 432 -12.70 11.13 7.15
N LEU A 433 -11.85 10.11 6.92
CA LEU A 433 -11.89 9.33 5.67
C LEU A 433 -13.01 8.30 5.80
N ARG A 434 -14.23 8.82 5.84
CA ARG A 434 -15.36 8.00 6.24
C ARG A 434 -15.86 7.01 5.20
N SER A 435 -15.46 7.17 3.93
CA SER A 435 -15.82 6.19 2.89
C SER A 435 -14.72 5.15 2.62
N LEU A 436 -13.55 5.33 3.23
CA LEU A 436 -12.44 4.44 2.96
C LEU A 436 -12.73 3.02 3.44
N ARG A 437 -12.87 2.09 2.50
CA ARG A 437 -13.23 0.71 2.81
C ARG A 437 -12.18 -0.31 2.39
N GLU A 438 -11.19 0.12 1.60
CA GLU A 438 -10.16 -0.82 1.17
C GLU A 438 -8.77 -0.18 1.01
N LEU A 439 -7.76 -0.90 1.49
CA LEU A 439 -6.37 -0.66 1.12
C LEU A 439 -5.88 -1.90 0.36
N GLY A 440 -5.90 -1.81 -0.97
CA GLY A 440 -5.61 -2.97 -1.85
C GLY A 440 -4.39 -3.79 -1.48
N SER A 441 -3.26 -3.13 -1.33
CA SER A 441 -2.09 -3.77 -0.79
C SER A 441 -1.30 -2.73 -0.03
N GLY A 442 -0.16 -3.13 0.52
CA GLY A 442 0.74 -2.18 1.15
C GLY A 442 0.39 -1.89 2.60
N LEU A 443 1.40 -1.41 3.33
CA LEU A 443 1.32 -1.16 4.75
C LEU A 443 0.81 0.25 4.95
N ALA A 444 0.29 0.51 6.15
CA ALA A 444 -0.17 1.84 6.53
C ALA A 444 0.66 2.34 7.70
N LEU A 445 0.90 3.64 7.74
CA LEU A 445 1.82 4.23 8.72
C LEU A 445 1.32 5.60 9.14
N ILE A 446 1.06 5.73 10.43
CA ILE A 446 0.42 6.91 10.96
C ILE A 446 1.14 7.22 12.23
N HIS A 447 1.94 8.28 12.20
CA HIS A 447 2.83 8.56 13.32
C HIS A 447 3.23 10.01 13.39
N HIS A 448 3.70 10.41 14.58
CA HIS A 448 4.11 11.77 14.90
C HIS A 448 3.05 12.81 14.54
N ASN A 449 1.79 12.42 14.73
CA ASN A 449 0.68 13.35 14.65
C ASN A 449 0.18 13.60 16.06
N THR A 450 0.74 14.63 16.70
CA THR A 450 0.55 14.95 18.12
C THR A 450 -0.89 15.08 18.61
N HIS A 451 -1.80 15.56 17.75
CA HIS A 451 -3.15 15.82 18.19
C HIS A 451 -4.16 14.83 17.64
N LEU A 452 -3.66 13.71 17.12
CA LEU A 452 -4.49 12.83 16.32
C LEU A 452 -5.17 11.74 17.14
N CYS A 453 -6.50 11.79 17.13
CA CYS A 453 -7.29 10.78 17.77
C CYS A 453 -7.96 9.90 16.71
N PHE A 454 -8.77 8.95 17.18
CA PHE A 454 -9.56 8.13 16.28
C PHE A 454 -8.74 7.21 15.40
N VAL A 455 -7.56 6.82 15.88
CA VAL A 455 -6.71 5.89 15.12
C VAL A 455 -7.08 4.47 15.51
N HIS A 456 -7.23 4.26 16.80
CA HIS A 456 -7.63 2.99 17.39
C HIS A 456 -9.08 2.62 17.03
N THR A 457 -9.92 3.60 16.73
CA THR A 457 -11.35 3.39 16.47
C THR A 457 -11.62 2.91 15.04
N VAL A 458 -10.60 2.99 14.18
CA VAL A 458 -10.74 2.53 12.82
C VAL A 458 -10.47 1.02 12.74
N PRO A 459 -11.35 0.28 12.04
CA PRO A 459 -11.16 -1.17 11.88
C PRO A 459 -10.21 -1.45 10.72
N TRP A 460 -8.92 -1.23 10.97
CA TRP A 460 -7.87 -1.43 9.97
C TRP A 460 -7.97 -2.81 9.38
N ASP A 461 -8.12 -3.79 10.27
CA ASP A 461 -8.44 -5.17 9.95
C ASP A 461 -9.38 -5.32 8.72
N GLN A 462 -10.51 -4.64 8.77
CA GLN A 462 -11.51 -4.72 7.70
C GLN A 462 -11.06 -4.08 6.40
N LEU A 463 -10.14 -3.12 6.46
CA LEU A 463 -9.68 -2.41 5.27
C LEU A 463 -8.64 -3.16 4.46
N PHE A 464 -7.80 -3.93 5.14
CA PHE A 464 -6.77 -4.70 4.43
C PHE A 464 -7.32 -5.89 3.66
N ARG A 465 -6.48 -6.47 2.80
CA ARG A 465 -6.90 -7.49 1.82
C ARG A 465 -6.01 -8.72 1.80
N ASN A 466 -4.77 -8.57 2.26
CA ASN A 466 -3.86 -9.71 2.36
C ASN A 466 -3.20 -9.71 3.74
N PRO A 467 -2.60 -10.83 4.15
CA PRO A 467 -2.12 -10.85 5.53
C PRO A 467 -0.71 -10.29 5.76
N HIS A 468 -0.06 -9.73 4.73
CA HIS A 468 1.23 -9.04 4.93
C HIS A 468 1.03 -7.53 5.21
N GLN A 469 -0.22 -7.12 5.42
CA GLN A 469 -0.52 -5.72 5.69
C GLN A 469 -0.77 -5.53 7.18
N ALA A 470 -0.63 -4.29 7.62
CA ALA A 470 -0.78 -3.92 9.01
C ALA A 470 -0.79 -2.40 9.15
N LEU A 471 -1.15 -1.92 10.33
CA LEU A 471 -1.08 -0.49 10.61
C LEU A 471 0.01 -0.26 11.62
N LEU A 472 1.07 0.44 11.21
CA LEU A 472 2.16 0.81 12.12
C LEU A 472 1.89 2.23 12.61
N HIS A 473 2.03 2.45 13.91
CA HIS A 473 1.62 3.70 14.49
C HIS A 473 2.34 3.89 15.78
N THR A 474 2.67 5.15 16.05
CA THR A 474 3.44 5.51 17.23
C THR A 474 3.39 7.03 17.33
N ALA A 475 3.50 7.56 18.55
CA ALA A 475 3.58 9.00 18.75
C ALA A 475 2.38 9.75 18.17
N ASN A 476 1.18 9.25 18.35
CA ASN A 476 0.02 10.07 18.06
C ASN A 476 -0.55 10.66 19.36
N ARG A 477 -1.83 11.01 19.41
CA ARG A 477 -2.37 11.45 20.68
C ARG A 477 -2.72 10.25 21.57
N PRO A 478 -2.24 10.26 22.83
CA PRO A 478 -2.51 9.12 23.72
C PRO A 478 -4.02 8.86 23.80
N GLU A 479 -4.39 7.59 23.85
CA GLU A 479 -5.78 7.23 23.69
C GLU A 479 -6.66 7.71 24.82
N ASP A 480 -6.18 7.65 26.05
CA ASP A 480 -7.09 7.98 27.14
C ASP A 480 -7.17 9.50 27.32
N GLU A 481 -6.25 10.20 26.66
CA GLU A 481 -6.31 11.65 26.57
C GLU A 481 -7.49 12.08 25.67
N CYS A 482 -7.67 11.34 24.58
CA CYS A 482 -8.73 11.56 23.62
C CYS A 482 -10.10 11.35 24.26
N VAL A 483 -10.24 10.30 25.07
CA VAL A 483 -11.54 10.02 25.70
C VAL A 483 -11.92 11.07 26.74
N GLY A 484 -10.90 11.56 27.46
CA GLY A 484 -11.07 12.60 28.46
C GLY A 484 -11.70 13.83 27.84
N GLU A 485 -11.38 14.04 26.57
CA GLU A 485 -11.85 15.21 25.84
C GLU A 485 -13.09 14.87 25.03
N GLY A 486 -13.65 13.69 25.28
CA GLY A 486 -14.83 13.24 24.57
C GLY A 486 -14.62 12.93 23.10
N LEU A 487 -13.36 12.80 22.69
CA LEU A 487 -13.04 12.44 21.31
C LEU A 487 -13.02 10.92 21.09
N ALA A 488 -14.19 10.29 21.13
CA ALA A 488 -14.32 8.85 20.85
C ALA A 488 -15.55 8.61 19.97
N CYS A 489 -15.95 7.36 19.74
CA CYS A 489 -17.04 7.13 18.78
C CYS A 489 -18.38 7.49 19.36
N HIS A 490 -19.28 7.95 18.50
CA HIS A 490 -20.62 8.31 18.95
C HIS A 490 -21.36 7.10 19.54
N GLN A 491 -22.20 7.34 20.56
CA GLN A 491 -23.19 6.36 21.04
C GLN A 491 -23.62 5.39 19.95
N LEU A 492 -23.94 5.96 18.79
CA LEU A 492 -24.71 5.27 17.77
C LEU A 492 -23.90 4.51 16.73
N CYS A 493 -22.58 4.52 16.85
CA CYS A 493 -21.76 3.78 15.88
C CYS A 493 -21.66 2.32 16.27
N ALA A 494 -22.20 1.44 15.42
CA ALA A 494 -22.11 -0.01 15.62
C ALA A 494 -20.69 -0.43 15.97
N ARG A 495 -20.58 -1.34 16.92
CA ARG A 495 -19.30 -1.93 17.29
C ARG A 495 -18.16 -0.93 17.64
N GLY A 496 -18.50 0.33 17.90
CA GLY A 496 -17.51 1.34 18.31
C GLY A 496 -16.42 1.74 17.33
N HIS A 497 -16.71 1.62 16.02
CA HIS A 497 -15.81 2.05 14.96
C HIS A 497 -16.29 3.34 14.34
N CYS A 498 -15.37 4.27 14.13
CA CYS A 498 -15.66 5.56 13.52
C CYS A 498 -14.35 6.17 13.02
N TRP A 499 -14.45 7.27 12.27
CA TRP A 499 -13.28 7.95 11.73
C TRP A 499 -13.05 9.29 12.43
N GLY A 500 -13.89 9.57 13.42
CA GLY A 500 -13.87 10.86 14.04
C GLY A 500 -15.08 11.13 14.92
N PRO A 501 -15.24 12.41 15.31
CA PRO A 501 -16.19 12.81 16.31
C PRO A 501 -17.55 13.07 15.72
N GLY A 502 -18.58 12.61 16.44
CA GLY A 502 -19.98 12.94 16.11
C GLY A 502 -20.61 11.86 15.29
N PRO A 503 -21.91 12.01 14.99
CA PRO A 503 -22.65 10.94 14.33
C PRO A 503 -22.59 10.94 12.79
N THR A 504 -21.64 11.65 12.20
CA THR A 504 -21.47 11.57 10.73
C THR A 504 -20.23 10.76 10.38
N GLN A 505 -19.66 10.12 11.39
CA GLN A 505 -18.36 9.49 11.27
C GLN A 505 -18.35 7.96 11.44
N CYS A 506 -19.49 7.34 11.66
CA CYS A 506 -19.52 5.90 11.86
C CYS A 506 -19.23 5.11 10.58
N VAL A 507 -18.62 3.94 10.77
CA VAL A 507 -18.38 3.00 9.70
C VAL A 507 -19.71 2.32 9.35
N ASN A 508 -20.40 1.78 10.34
CA ASN A 508 -21.79 1.35 10.18
C ASN A 508 -22.66 1.98 11.24
N CYS A 509 -23.86 2.38 10.84
CA CYS A 509 -24.75 3.11 11.71
C CYS A 509 -25.57 2.14 12.54
N SER A 510 -25.86 2.50 13.78
CA SER A 510 -26.53 1.56 14.69
C SER A 510 -28.03 1.49 14.50
N GLN A 511 -28.64 2.64 14.23
CA GLN A 511 -30.07 2.71 14.12
C GLN A 511 -30.49 3.02 12.69
N PHE A 512 -30.52 4.30 12.33
CA PHE A 512 -31.02 4.76 11.03
C PHE A 512 -30.16 5.90 10.53
N LEU A 513 -30.15 6.12 9.22
CA LEU A 513 -29.42 7.25 8.64
C LEU A 513 -30.34 8.27 8.01
N ARG A 514 -30.10 9.53 8.32
CA ARG A 514 -30.73 10.66 7.65
C ARG A 514 -29.65 11.38 6.83
N GLY A 515 -29.58 11.03 5.55
CA GLY A 515 -28.49 11.45 4.71
C GLY A 515 -27.28 10.71 5.19
N GLN A 516 -26.35 11.43 5.78
CA GLN A 516 -25.13 10.83 6.30
C GLN A 516 -25.13 10.68 7.84
N GLU A 517 -26.12 11.27 8.50
CA GLU A 517 -26.15 11.35 9.95
C GLU A 517 -26.88 10.17 10.55
N CYS A 518 -26.20 9.51 11.48
CA CYS A 518 -26.73 8.35 12.17
C CYS A 518 -27.67 8.85 13.29
N VAL A 519 -28.92 8.41 13.27
CA VAL A 519 -29.93 8.92 14.21
C VAL A 519 -30.76 7.83 14.87
N GLU A 520 -31.24 8.08 16.09
CA GLU A 520 -31.95 7.07 16.88
C GLU A 520 -33.29 6.67 16.24
N GLU A 521 -34.19 7.63 16.07
CA GLU A 521 -35.48 7.38 15.44
C GLU A 521 -35.67 8.27 14.23
N CYS A 522 -36.32 7.73 13.21
CA CYS A 522 -36.78 8.58 12.13
C CYS A 522 -37.98 9.40 12.65
N ARG A 523 -38.52 10.26 11.80
CA ARG A 523 -39.69 11.03 12.19
C ARG A 523 -40.94 10.42 11.62
N VAL A 524 -41.36 9.30 12.20
CA VAL A 524 -42.54 8.62 11.73
C VAL A 524 -43.73 9.15 12.49
N LEU A 525 -43.59 9.20 13.83
CA LEU A 525 -44.66 9.61 14.72
C LEU A 525 -44.64 11.10 15.06
N GLN A 526 -43.45 11.71 15.04
CA GLN A 526 -43.30 13.14 15.39
C GLN A 526 -42.02 13.75 14.83
N GLY A 527 -41.95 15.07 14.82
CA GLY A 527 -40.80 15.79 14.25
C GLY A 527 -41.20 16.61 13.04
N LEU A 528 -40.58 17.78 12.90
CA LEU A 528 -40.99 18.82 11.93
C LEU A 528 -41.30 18.25 10.54
N PRO A 529 -40.27 17.94 9.71
CA PRO A 529 -40.59 17.26 8.47
C PRO A 529 -40.72 15.77 8.72
N ARG A 530 -41.89 15.23 8.45
CA ARG A 530 -42.19 13.82 8.76
C ARG A 530 -41.58 12.84 7.76
N GLU A 531 -41.15 11.69 8.25
CA GLU A 531 -40.39 10.75 7.44
C GLU A 531 -41.01 9.38 7.31
N TYR A 532 -40.74 8.74 6.18
CA TYR A 532 -40.96 7.31 6.07
C TYR A 532 -39.60 6.63 6.13
N VAL A 533 -39.59 5.34 6.45
CA VAL A 533 -38.35 4.58 6.58
C VAL A 533 -38.13 3.62 5.41
N ASN A 534 -36.87 3.41 5.05
CA ASN A 534 -36.51 2.53 3.94
C ASN A 534 -35.05 2.08 3.96
N ALA A 535 -34.84 0.77 4.10
CA ALA A 535 -33.50 0.19 4.18
C ALA A 535 -32.65 0.93 5.22
N ARG A 536 -33.26 1.17 6.38
CA ARG A 536 -32.61 1.83 7.51
C ARG A 536 -32.32 3.30 7.25
N HIS A 537 -32.85 3.84 6.16
CA HIS A 537 -32.69 5.26 5.80
C HIS A 537 -33.95 6.05 6.00
N CYS A 538 -33.89 7.11 6.82
CA CYS A 538 -35.01 8.04 6.94
C CYS A 538 -35.16 8.82 5.65
N LEU A 539 -36.38 8.85 5.11
CA LEU A 539 -36.65 9.60 3.89
C LEU A 539 -37.94 10.40 4.04
N PRO A 540 -38.00 11.58 3.39
CA PRO A 540 -39.08 12.52 3.68
C PRO A 540 -40.39 12.22 2.98
N CYS A 541 -41.47 12.38 3.75
CA CYS A 541 -42.81 12.37 3.20
C CYS A 541 -42.96 13.56 2.28
N HIS A 542 -43.80 13.41 1.27
CA HIS A 542 -44.11 14.48 0.35
C HIS A 542 -44.61 15.71 1.11
N PRO A 543 -44.15 16.92 0.70
CA PRO A 543 -44.58 18.20 1.26
C PRO A 543 -46.10 18.38 1.39
N GLU A 544 -46.86 17.76 0.49
CA GLU A 544 -48.33 17.88 0.48
C GLU A 544 -49.02 16.97 1.48
N CYS A 545 -48.26 16.12 2.17
CA CYS A 545 -48.82 15.17 3.15
C CYS A 545 -49.21 15.88 4.43
N GLN A 546 -50.25 15.37 5.09
CA GLN A 546 -50.71 15.95 6.35
C GLN A 546 -50.15 15.17 7.54
N PRO A 547 -49.43 15.90 8.43
CA PRO A 547 -48.81 15.36 9.64
C PRO A 547 -49.84 14.75 10.57
N GLN A 548 -49.43 13.71 11.30
CA GLN A 548 -50.35 12.94 12.15
C GLN A 548 -49.93 12.91 13.61
N ASN A 549 -50.90 12.71 14.48
CA ASN A 549 -50.67 12.58 15.92
C ASN A 549 -50.74 11.10 16.36
N GLY A 550 -49.58 10.50 16.64
CA GLY A 550 -49.50 9.11 17.11
C GLY A 550 -49.60 8.02 16.06
N SER A 551 -50.23 8.35 14.93
CA SER A 551 -50.38 7.46 13.79
C SER A 551 -49.29 7.75 12.76
N VAL A 552 -49.18 6.93 11.72
CA VAL A 552 -48.20 7.15 10.64
C VAL A 552 -48.62 8.33 9.75
N THR A 553 -47.64 8.96 9.12
CA THR A 553 -47.86 10.19 8.36
C THR A 553 -47.92 9.98 6.83
N CYS A 554 -47.21 8.98 6.33
CA CYS A 554 -47.14 8.67 4.90
C CYS A 554 -46.43 7.34 4.75
N PHE A 555 -46.52 6.74 3.57
CA PHE A 555 -45.92 5.41 3.36
C PHE A 555 -44.82 5.37 2.29
N GLY A 556 -44.56 6.51 1.65
CA GLY A 556 -43.51 6.63 0.64
C GLY A 556 -43.31 8.06 0.19
N PRO A 557 -42.39 8.29 -0.78
CA PRO A 557 -42.05 9.65 -1.21
C PRO A 557 -43.19 10.42 -1.91
N GLU A 558 -43.96 9.74 -2.77
CA GLU A 558 -44.99 10.39 -3.60
C GLU A 558 -46.17 11.03 -2.85
N ALA A 559 -47.02 11.71 -3.61
CA ALA A 559 -48.23 12.35 -3.08
C ALA A 559 -49.42 11.37 -2.86
N ASP A 560 -49.37 10.22 -3.52
CA ASP A 560 -50.39 9.18 -3.32
C ASP A 560 -50.15 8.40 -2.04
N GLN A 561 -48.97 8.59 -1.45
CA GLN A 561 -48.59 7.84 -0.27
C GLN A 561 -48.90 8.51 1.08
N CYS A 562 -49.64 9.61 1.09
CA CYS A 562 -50.00 10.25 2.37
C CYS A 562 -51.20 9.57 3.01
N VAL A 563 -51.31 9.73 4.33
CA VAL A 563 -52.52 9.30 5.05
C VAL A 563 -53.59 10.40 5.02
N ALA A 564 -53.17 11.65 4.89
CA ALA A 564 -54.08 12.79 4.70
C ALA A 564 -53.37 13.91 3.96
N CYS A 565 -54.15 14.77 3.31
CA CYS A 565 -53.60 15.93 2.59
C CYS A 565 -53.73 17.20 3.42
N ALA A 566 -52.80 18.11 3.20
CA ALA A 566 -52.82 19.41 3.87
C ALA A 566 -53.57 20.42 3.00
N HIS A 567 -53.75 20.09 1.71
CA HIS A 567 -54.39 21.02 0.78
C HIS A 567 -55.56 20.45 -0.03
N TYR A 568 -55.30 19.89 -1.21
CA TYR A 568 -56.38 19.39 -2.06
C TYR A 568 -56.10 18.00 -2.61
N LYS A 569 -57.15 17.18 -2.69
CA LYS A 569 -57.01 15.83 -3.20
C LYS A 569 -57.44 15.75 -4.66
N ASP A 570 -56.49 15.40 -5.51
CA ASP A 570 -56.73 15.13 -6.92
C ASP A 570 -56.34 13.68 -7.16
N PRO A 571 -57.21 12.73 -6.76
CA PRO A 571 -56.89 11.29 -6.63
C PRO A 571 -55.97 10.71 -7.73
N PRO A 572 -54.97 9.91 -7.33
CA PRO A 572 -54.71 9.55 -5.92
C PRO A 572 -53.78 10.51 -5.14
N PHE A 573 -53.36 11.61 -5.76
CA PHE A 573 -52.36 12.54 -5.20
C PHE A 573 -52.91 13.57 -4.22
N CYS A 574 -52.01 14.31 -3.55
CA CYS A 574 -52.36 15.55 -2.86
C CYS A 574 -51.65 16.69 -3.57
N VAL A 575 -52.40 17.73 -3.89
CA VAL A 575 -51.87 18.87 -4.64
C VAL A 575 -52.17 20.16 -3.87
N ALA A 576 -51.86 21.30 -4.48
CA ALA A 576 -52.40 22.59 -4.01
C ALA A 576 -53.23 23.24 -5.14
N ARG A 577 -54.13 22.46 -5.73
CA ARG A 577 -54.69 22.77 -7.06
C ARG A 577 -56.24 22.79 -7.15
N CYS A 578 -56.83 21.63 -7.45
CA CYS A 578 -58.27 21.53 -7.72
C CYS A 578 -59.12 21.53 -6.46
N ASN B 6 -26.83 17.32 3.62
CA ASN B 6 -25.41 16.83 3.57
C ASN B 6 -24.42 17.89 3.05
N LYS B 7 -24.84 18.58 1.99
CA LYS B 7 -24.10 19.71 1.40
C LYS B 7 -24.08 20.91 2.38
N GLU B 8 -25.15 21.03 3.16
CA GLU B 8 -25.26 21.96 4.29
C GLU B 8 -24.02 21.97 5.18
N MET B 9 -23.55 20.77 5.50
CA MET B 9 -22.41 20.57 6.37
C MET B 9 -21.09 20.98 5.73
N ARG B 10 -20.78 20.41 4.57
CA ARG B 10 -19.49 20.63 3.93
C ARG B 10 -19.26 22.11 3.59
N ASN B 11 -20.34 22.87 3.39
CA ASN B 11 -20.24 24.31 3.12
C ASN B 11 -19.81 25.04 4.37
N ALA B 12 -20.58 24.81 5.44
CA ALA B 12 -20.31 25.37 6.75
C ALA B 12 -18.87 25.12 7.16
N TYR B 13 -18.42 23.88 6.97
CA TYR B 13 -17.03 23.49 7.24
C TYR B 13 -16.08 24.48 6.55
N TRP B 14 -16.19 24.60 5.23
CA TRP B 14 -15.30 25.46 4.47
C TRP B 14 -15.44 26.91 4.87
N GLU B 15 -16.68 27.31 5.11
CA GLU B 15 -17.00 28.64 5.59
C GLU B 15 -16.18 29.00 6.82
N ILE B 16 -16.23 28.13 7.83
CA ILE B 16 -15.50 28.35 9.08
C ILE B 16 -13.99 28.32 8.83
N ALA B 17 -13.54 27.34 8.07
CA ALA B 17 -12.11 27.16 7.82
C ALA B 17 -11.45 28.37 7.14
N LEU B 18 -12.24 29.11 6.35
CA LEU B 18 -11.67 30.18 5.53
C LEU B 18 -11.73 31.60 6.13
N LEU B 19 -12.43 31.75 7.25
CA LEU B 19 -12.59 33.06 7.89
C LEU B 19 -11.22 33.61 8.20
N PRO B 20 -10.86 34.77 7.62
CA PRO B 20 -9.49 35.28 7.70
C PRO B 20 -8.99 35.57 9.12
N ASN B 21 -9.87 36.01 10.01
CA ASN B 21 -9.48 36.53 11.34
C ASN B 21 -9.61 35.58 12.54
N LEU B 22 -10.05 34.37 12.30
CA LEU B 22 -10.03 33.34 13.32
C LEU B 22 -8.69 32.61 13.30
N ASN B 23 -8.09 32.36 14.46
CA ASN B 23 -6.93 31.47 14.50
C ASN B 23 -7.39 30.01 14.42
N ASN B 24 -6.45 29.09 14.18
CA ASN B 24 -6.80 27.69 13.97
C ASN B 24 -7.54 27.05 15.12
N GLN B 25 -7.19 27.43 16.35
CA GLN B 25 -7.79 26.84 17.54
C GLN B 25 -9.27 27.09 17.60
N GLN B 26 -9.63 28.34 17.35
CA GLN B 26 -11.01 28.72 17.29
C GLN B 26 -11.67 27.92 16.15
N LYS B 27 -11.05 27.92 14.97
CA LYS B 27 -11.67 27.26 13.82
C LYS B 27 -11.97 25.80 14.11
N ARG B 28 -11.06 25.14 14.84
CA ARG B 28 -11.27 23.77 15.30
C ARG B 28 -12.51 23.63 16.17
N ALA B 29 -12.57 24.43 17.24
CA ALA B 29 -13.72 24.44 18.17
C ALA B 29 -15.05 24.48 17.41
N PHE B 30 -15.20 25.47 16.54
CA PHE B 30 -16.39 25.54 15.71
C PHE B 30 -16.55 24.26 14.86
N ILE B 31 -15.54 23.87 14.10
CA ILE B 31 -15.68 22.67 13.25
C ILE B 31 -16.06 21.46 14.13
N ARG B 32 -15.42 21.32 15.28
CA ARG B 32 -15.72 20.19 16.15
C ARG B 32 -17.17 20.18 16.57
N SER B 33 -17.66 21.34 16.99
CA SER B 33 -19.01 21.40 17.51
C SER B 33 -19.97 21.07 16.38
N LEU B 34 -19.59 21.47 15.18
CA LEU B 34 -20.33 21.18 13.97
C LEU B 34 -20.47 19.69 13.72
N TYR B 35 -19.34 18.97 13.78
CA TYR B 35 -19.34 17.51 13.62
C TYR B 35 -20.08 16.81 14.73
N ASP B 36 -20.14 17.43 15.91
CA ASP B 36 -20.84 16.84 17.03
C ASP B 36 -22.35 16.94 16.87
N ASP B 37 -22.83 18.12 16.51
CA ASP B 37 -24.24 18.26 16.16
C ASP B 37 -24.40 19.12 14.91
N PRO B 38 -24.54 18.49 13.73
CA PRO B 38 -24.68 19.20 12.44
C PRO B 38 -25.87 20.17 12.36
N SER B 39 -26.99 19.87 13.05
CA SER B 39 -28.16 20.76 13.06
C SER B 39 -27.85 22.19 13.51
N GLN B 40 -26.77 22.36 14.25
CA GLN B 40 -26.36 23.66 14.78
C GLN B 40 -25.51 24.50 13.82
N SER B 41 -25.34 24.00 12.59
CA SER B 41 -24.51 24.67 11.60
C SER B 41 -24.86 26.15 11.40
N ALA B 42 -26.14 26.48 11.37
CA ALA B 42 -26.61 27.87 11.25
C ALA B 42 -26.22 28.75 12.45
N ASN B 43 -26.40 28.20 13.66
CA ASN B 43 -26.07 28.88 14.93
C ASN B 43 -24.58 29.07 15.10
N LEU B 44 -23.83 27.99 14.88
CA LEU B 44 -22.37 28.02 14.97
C LEU B 44 -21.75 28.92 13.91
N LEU B 45 -22.38 28.93 12.73
CA LEU B 45 -21.89 29.69 11.61
C LEU B 45 -21.90 31.19 11.92
N ALA B 46 -23.03 31.67 12.44
CA ALA B 46 -23.20 33.07 12.85
C ALA B 46 -22.25 33.44 13.98
N GLU B 47 -22.25 32.60 15.02
CA GLU B 47 -21.31 32.67 16.13
C GLU B 47 -19.85 32.90 15.70
N ALA B 48 -19.42 32.13 14.71
CA ALA B 48 -18.07 32.23 14.18
C ALA B 48 -17.82 33.53 13.43
N LYS B 49 -18.82 34.00 12.69
CA LYS B 49 -18.73 35.24 11.93
C LYS B 49 -18.66 36.48 12.81
N LYS B 50 -19.39 36.45 13.92
CA LYS B 50 -19.43 37.52 14.91
C LYS B 50 -18.08 37.72 15.58
N LEU B 51 -17.42 36.61 15.88
CA LEU B 51 -16.09 36.61 16.48
C LEU B 51 -15.03 36.98 15.43
N ASN B 52 -15.25 36.58 14.18
CA ASN B 52 -14.33 36.87 13.10
C ASN B 52 -14.27 38.35 12.84
N ASP B 53 -15.44 38.99 12.87
CA ASP B 53 -15.55 40.43 12.72
C ASP B 53 -15.01 41.18 13.95
N ALA B 54 -15.21 40.60 15.14
CA ALA B 54 -14.70 41.17 16.38
C ALA B 54 -13.16 41.21 16.40
N GLN B 55 -12.54 40.19 15.81
CA GLN B 55 -11.10 40.10 15.72
C GLN B 55 -10.54 40.66 14.41
N ALA B 56 -11.37 41.36 13.64
CA ALA B 56 -10.91 41.99 12.40
C ALA B 56 -9.78 42.95 12.74
N PRO B 57 -8.72 42.97 11.90
CA PRO B 57 -7.52 43.75 12.24
C PRO B 57 -7.79 45.23 12.28
N LYS B 58 -7.48 45.84 13.41
CA LYS B 58 -7.55 47.29 13.61
C LYS B 58 -6.48 47.71 14.60
#